data_9P4X
#
_entry.id   9P4X
#
loop_
_entity.id
_entity.type
_entity.pdbx_description
1 polymer 'Excitatory amino acid transporter 3'
2 non-polymer (4R)-8-bromo-2-(furan-2-yl)-N-(2-methylphenyl)imidazo[1,2-a]pyridin-3-amine
3 non-polymer CHOLESTEROL
4 water water
#
_entity_poly.entity_id   1
_entity_poly.type   'polypeptide(L)'
_entity_poly.pdbx_seq_one_letter_code
;GPMGKPARKGCEWKRFLKNNWVLLSTVAAVVLGITTGVLVREHSNLSTLEKFYFAFPGEILMRMLKLIILPLIISSMITG
VAALDSNVSGKIGLRAVVYYFCTTLIAVILGIVLVVSIKPGVTQKVGEIARTGSTPEVSTVDAMLDLIRNMFPENLVQAC
FQQYKTKREEVKPPSDPEMTMTEESFTAVMTTAISKTKTKEYKIVGMYSDGINVLGLIVFCLVFGLVIGKMGEKGQILVD
FFNALSDATMKIVQIIMCYMPLGILFLIAGKIIEVEDWEIFRKLGLYMATVLTGLAIHSIVILPLIYFIVVRKNPFRFAM
GMAQALLTALMISSSSATLPVTFRCAEENNQVDKRITRFVLPVGATINMDGTALYEAVAAVFIAQLNDLDLGIGQIITIS
ITATSASIGAAGVPQAGLVTMVIVLSAVGLPAEDVTLIIAVDWLLDRFRTMVNVLGDAFGTGIVEKLSKKELEQMDVSSE
VNIVNPFALESTILDNEDSDTKKSYVNGGFAVDKSDTISFTQTSQF
;
_entity_poly.pdbx_strand_id   A
#
# COMPACT_ATOMS: atom_id res chain seq x y z
N LYS A 18 0.25 26.07 3.37
CA LYS A 18 0.29 26.00 4.82
C LYS A 18 0.97 24.72 5.28
N ASN A 19 1.74 24.11 4.38
CA ASN A 19 2.41 22.82 4.57
C ASN A 19 1.42 21.66 4.59
N ASN A 20 0.12 21.93 4.51
CA ASN A 20 -0.90 20.89 4.38
C ASN A 20 -1.69 21.02 3.09
N TRP A 21 -1.11 21.69 2.09
CA TRP A 21 -1.82 21.88 0.83
C TRP A 21 -2.17 20.56 0.18
N VAL A 22 -1.37 19.52 0.43
CA VAL A 22 -1.66 18.21 -0.16
C VAL A 22 -3.03 17.71 0.31
N LEU A 23 -3.32 17.86 1.60
CA LEU A 23 -4.62 17.45 2.12
C LEU A 23 -5.72 18.40 1.67
N LEU A 24 -5.47 19.71 1.76
CA LEU A 24 -6.49 20.68 1.39
C LEU A 24 -6.82 20.61 -0.10
N SER A 25 -5.80 20.49 -0.94
CA SER A 25 -6.04 20.44 -2.38
C SER A 25 -6.83 19.21 -2.77
N THR A 26 -6.49 18.06 -2.18
CA THR A 26 -7.20 16.83 -2.51
C THR A 26 -8.67 16.91 -2.11
N VAL A 27 -8.95 17.41 -0.91
CA VAL A 27 -10.33 17.56 -0.47
C VAL A 27 -11.05 18.60 -1.34
N ALA A 28 -10.38 19.70 -1.66
CA ALA A 28 -10.99 20.71 -2.51
C ALA A 28 -11.30 20.14 -3.89
N ALA A 29 -10.39 19.35 -4.45
CA ALA A 29 -10.66 18.72 -5.74
C ALA A 29 -11.84 17.77 -5.66
N VAL A 30 -11.92 16.99 -4.58
CA VAL A 30 -13.03 16.05 -4.42
C VAL A 30 -14.35 16.82 -4.29
N VAL A 31 -14.36 17.87 -3.48
CA VAL A 31 -15.58 18.64 -3.27
C VAL A 31 -16.02 19.31 -4.57
N LEU A 32 -15.06 19.92 -5.28
CA LEU A 32 -15.38 20.57 -6.55
C LEU A 32 -15.71 19.53 -7.63
N GLY A 33 -15.08 18.36 -7.58
CA GLY A 33 -15.41 17.32 -8.54
C GLY A 33 -16.86 16.88 -8.44
N ILE A 34 -17.35 16.69 -7.21
CA ILE A 34 -18.74 16.34 -7.02
C ILE A 34 -19.65 17.50 -7.45
N THR A 35 -19.27 18.73 -7.10
CA THR A 35 -20.08 19.89 -7.49
C THR A 35 -20.14 20.02 -9.00
N THR A 36 -19.01 19.84 -9.68
CA THR A 36 -19.01 19.92 -11.14
C THR A 36 -19.83 18.79 -11.75
N GLY A 37 -19.73 17.58 -11.20
CA GLY A 37 -20.44 16.46 -11.77
C GLY A 37 -21.95 16.58 -11.66
N VAL A 38 -22.44 16.99 -10.49
CA VAL A 38 -23.88 17.11 -10.30
C VAL A 38 -24.46 18.19 -11.19
N LEU A 39 -23.79 19.34 -11.27
CA LEU A 39 -24.29 20.42 -12.11
C LEU A 39 -24.30 20.03 -13.58
N VAL A 40 -23.19 19.46 -14.06
CA VAL A 40 -23.08 19.13 -15.49
C VAL A 40 -24.09 18.06 -15.86
N ARG A 41 -24.26 17.05 -14.99
CA ARG A 41 -25.18 15.96 -15.31
C ARG A 41 -26.61 16.45 -15.45
N GLU A 42 -27.05 17.33 -14.54
CA GLU A 42 -28.44 17.76 -14.51
C GLU A 42 -28.70 18.98 -15.39
N HIS A 43 -27.71 19.84 -15.59
CA HIS A 43 -27.88 21.03 -16.40
C HIS A 43 -27.33 20.86 -17.81
N SER A 44 -26.95 19.65 -18.20
CA SER A 44 -26.47 19.40 -19.55
C SER A 44 -26.66 17.92 -19.87
N ASN A 45 -26.68 17.61 -21.16
CA ASN A 45 -26.84 16.24 -21.66
C ASN A 45 -25.74 16.00 -22.69
N LEU A 46 -24.57 15.58 -22.22
CA LEU A 46 -23.45 15.29 -23.11
C LEU A 46 -23.58 13.91 -23.72
N SER A 47 -22.95 13.72 -24.87
CA SER A 47 -22.94 12.44 -25.55
C SER A 47 -21.77 11.60 -25.05
N THR A 48 -21.67 10.38 -25.58
CA THR A 48 -20.61 9.47 -25.14
C THR A 48 -19.23 10.05 -25.47
N LEU A 49 -19.08 10.63 -26.66
CA LEU A 49 -17.79 11.20 -27.04
C LEU A 49 -17.47 12.45 -26.22
N GLU A 50 -18.47 13.31 -26.02
CA GLU A 50 -18.25 14.53 -25.24
C GLU A 50 -17.90 14.19 -23.79
N LYS A 51 -18.56 13.18 -23.22
CA LYS A 51 -18.25 12.80 -21.85
C LYS A 51 -16.82 12.27 -21.72
N PHE A 52 -16.33 11.57 -22.73
CA PHE A 52 -14.95 11.09 -22.69
C PHE A 52 -13.96 12.27 -22.69
N TYR A 53 -14.22 13.27 -23.53
CA TYR A 53 -13.35 14.44 -23.56
C TYR A 53 -13.38 15.21 -22.25
N PHE A 54 -14.53 15.22 -21.57
CA PHE A 54 -14.64 15.93 -20.31
C PHE A 54 -13.69 15.35 -19.26
N ALA A 55 -13.46 14.05 -19.29
CA ALA A 55 -12.58 13.39 -18.34
C ALA A 55 -11.14 13.32 -18.80
N PHE A 56 -10.81 13.95 -19.94
CA PHE A 56 -9.45 13.87 -20.45
C PHE A 56 -8.41 14.38 -19.46
N PRO A 57 -8.61 15.50 -18.77
CA PRO A 57 -7.62 15.89 -17.74
C PRO A 57 -7.42 14.82 -16.69
N GLY A 58 -8.48 14.11 -16.31
CA GLY A 58 -8.33 12.98 -15.41
C GLY A 58 -7.56 11.85 -16.03
N GLU A 59 -7.78 11.59 -17.32
CA GLU A 59 -7.02 10.56 -18.02
C GLU A 59 -5.54 10.87 -18.03
N ILE A 60 -5.18 12.14 -18.26
CA ILE A 60 -3.78 12.52 -18.31
C ILE A 60 -3.11 12.32 -16.96
N LEU A 61 -3.84 12.55 -15.87
CA LEU A 61 -3.31 12.26 -14.54
C LEU A 61 -3.00 10.78 -14.39
N MET A 62 -3.86 9.92 -14.94
CA MET A 62 -3.64 8.48 -14.82
C MET A 62 -2.35 8.08 -15.53
N ARG A 63 -2.07 8.68 -16.70
CA ARG A 63 -0.85 8.34 -17.43
C ARG A 63 0.39 8.76 -16.67
N MET A 64 0.36 9.94 -16.02
CA MET A 64 1.50 10.36 -15.22
C MET A 64 1.77 9.37 -14.10
N LEU A 65 0.72 8.94 -13.39
CA LEU A 65 0.92 7.98 -12.32
C LEU A 65 1.45 6.65 -12.84
N LYS A 66 0.89 6.17 -13.95
CA LYS A 66 1.38 4.94 -14.54
C LYS A 66 2.80 5.08 -15.06
N LEU A 67 3.14 6.25 -15.60
CA LEU A 67 4.47 6.47 -16.15
C LEU A 67 5.54 6.35 -15.07
N ILE A 68 5.25 6.87 -13.87
CA ILE A 68 6.26 6.91 -12.81
C ILE A 68 6.35 5.62 -12.01
N ILE A 69 5.50 4.63 -12.30
CA ILE A 69 5.52 3.39 -11.53
C ILE A 69 6.86 2.68 -11.69
N LEU A 70 7.30 2.50 -12.93
CA LEU A 70 8.46 1.64 -13.19
C LEU A 70 9.73 2.17 -12.53
N PRO A 71 10.14 3.42 -12.74
CA PRO A 71 11.31 3.91 -12.00
C PRO A 71 11.10 3.95 -10.49
N LEU A 72 9.94 4.23 -9.97
CA LEU A 72 9.65 4.31 -8.54
C LEU A 72 9.86 2.99 -7.85
N ILE A 73 9.25 1.95 -8.32
CA ILE A 73 9.34 0.69 -7.59
C ILE A 73 10.76 0.12 -7.69
N ILE A 74 11.39 0.24 -8.85
CA ILE A 74 12.72 -0.33 -9.04
C ILE A 74 13.74 0.40 -8.17
N SER A 75 13.74 1.73 -8.22
CA SER A 75 14.70 2.49 -7.44
C SER A 75 14.43 2.38 -5.94
N SER A 76 13.15 2.44 -5.55
CA SER A 76 12.81 2.41 -4.13
C SER A 76 13.07 1.03 -3.53
N MET A 77 12.71 -0.04 -4.25
CA MET A 77 12.90 -1.38 -3.69
C MET A 77 14.37 -1.68 -3.48
N ILE A 78 15.22 -1.32 -4.45
CA ILE A 78 16.66 -1.51 -4.27
C ILE A 78 17.18 -0.62 -3.14
N THR A 79 16.74 0.65 -3.12
CA THR A 79 17.17 1.56 -2.07
C THR A 79 16.70 1.09 -0.69
N GLY A 80 15.44 0.68 -0.59
CA GLY A 80 14.92 0.22 0.69
C GLY A 80 15.58 -1.06 1.17
N VAL A 81 15.73 -2.04 0.27
CA VAL A 81 16.31 -3.32 0.66
C VAL A 81 17.77 -3.14 1.06
N ALA A 82 18.53 -2.36 0.29
CA ALA A 82 19.93 -2.11 0.65
C ALA A 82 20.02 -1.40 2.00
N ALA A 83 19.12 -0.45 2.24
CA ALA A 83 19.09 0.22 3.53
C ALA A 83 18.64 -0.72 4.64
N LEU A 84 17.70 -1.63 4.32
CA LEU A 84 17.22 -2.57 5.31
C LEU A 84 18.31 -3.53 5.76
N ASP A 85 19.24 -3.86 4.86
CA ASP A 85 20.35 -4.73 5.24
C ASP A 85 21.14 -4.14 6.41
N SER A 86 21.24 -2.82 6.49
CA SER A 86 21.96 -2.19 7.59
C SER A 86 21.19 -2.33 8.90
N ASN A 87 19.88 -2.07 8.87
CA ASN A 87 19.10 -2.06 10.10
C ASN A 87 18.91 -3.47 10.65
N VAL A 88 18.58 -4.42 9.78
CA VAL A 88 18.27 -5.78 10.22
C VAL A 88 19.57 -6.55 10.42
N SER A 89 20.11 -6.52 11.64
CA SER A 89 21.35 -7.21 11.97
C SER A 89 21.20 -7.86 13.33
N GLY A 90 21.72 -9.08 13.46
CA GLY A 90 21.68 -9.79 14.72
C GLY A 90 20.32 -10.41 14.98
N LYS A 91 20.20 -10.95 16.19
CA LYS A 91 18.93 -11.57 16.58
C LYS A 91 17.85 -10.53 16.82
N ILE A 92 18.23 -9.36 17.37
CA ILE A 92 17.23 -8.33 17.65
C ILE A 92 16.50 -7.93 16.38
N GLY A 93 17.24 -7.74 15.28
CA GLY A 93 16.59 -7.45 14.01
C GLY A 93 15.72 -8.59 13.53
N LEU A 94 16.14 -9.82 13.79
CA LEU A 94 15.34 -10.98 13.36
C LEU A 94 14.00 -11.02 14.08
N ARG A 95 13.97 -10.61 15.35
CA ARG A 95 12.71 -10.61 16.09
C ARG A 95 11.70 -9.68 15.43
N ALA A 96 12.15 -8.49 15.02
CA ALA A 96 11.23 -7.54 14.37
C ALA A 96 10.74 -8.09 13.04
N VAL A 97 11.61 -8.71 12.25
CA VAL A 97 11.20 -9.24 10.96
C VAL A 97 10.15 -10.33 11.15
N VAL A 98 10.35 -11.23 12.12
CA VAL A 98 9.35 -12.24 12.40
C VAL A 98 8.07 -11.60 12.92
N TYR A 99 8.19 -10.61 13.79
CA TYR A 99 7.01 -9.96 14.34
C TYR A 99 6.18 -9.30 13.25
N TYR A 100 6.83 -8.61 12.32
CA TYR A 100 6.10 -7.94 11.25
C TYR A 100 5.54 -8.91 10.23
N PHE A 101 6.13 -10.11 10.11
CA PHE A 101 5.53 -11.14 9.27
C PHE A 101 4.22 -11.65 9.87
N CYS A 102 4.20 -11.91 11.18
CA CYS A 102 3.02 -12.47 11.81
C CYS A 102 1.87 -11.46 11.82
N THR A 103 2.16 -10.22 12.21
CA THR A 103 1.10 -9.22 12.26
C THR A 103 0.57 -8.91 10.86
N THR A 104 1.46 -8.85 9.87
CA THR A 104 1.01 -8.64 8.49
C THR A 104 0.18 -9.83 8.01
N LEU A 105 0.58 -11.05 8.37
CA LEU A 105 -0.18 -12.22 7.95
C LEU A 105 -1.60 -12.18 8.49
N ILE A 106 -1.77 -11.81 9.75
CA ILE A 106 -3.11 -11.74 10.33
C ILE A 106 -3.92 -10.63 9.66
N ALA A 107 -3.27 -9.50 9.36
CA ALA A 107 -3.97 -8.42 8.68
C ALA A 107 -4.41 -8.85 7.29
N VAL A 108 -3.59 -9.63 6.60
CA VAL A 108 -3.97 -10.11 5.26
C VAL A 108 -5.20 -11.00 5.36
N ILE A 109 -5.21 -11.93 6.32
CA ILE A 109 -6.35 -12.81 6.49
C ILE A 109 -7.57 -12.01 6.93
N LEU A 110 -7.39 -11.08 7.87
CA LEU A 110 -8.52 -10.29 8.36
C LEU A 110 -9.14 -9.46 7.24
N GLY A 111 -8.29 -8.86 6.39
CA GLY A 111 -8.81 -8.05 5.30
C GLY A 111 -9.61 -8.87 4.30
N ILE A 112 -9.14 -10.09 4.00
CA ILE A 112 -9.84 -10.94 3.04
C ILE A 112 -11.16 -11.41 3.62
N VAL A 113 -11.18 -11.79 4.89
CA VAL A 113 -12.40 -12.32 5.49
C VAL A 113 -13.49 -11.25 5.53
N LEU A 114 -13.11 -10.01 5.78
CA LEU A 114 -14.10 -8.94 5.86
C LEU A 114 -14.62 -8.56 4.49
N VAL A 115 -13.74 -8.49 3.49
CA VAL A 115 -14.18 -8.10 2.15
C VAL A 115 -14.92 -9.23 1.44
N VAL A 116 -14.70 -10.48 1.83
CA VAL A 116 -15.39 -11.60 1.22
C VAL A 116 -16.73 -11.87 1.92
N SER A 117 -16.82 -11.56 3.22
CA SER A 117 -18.07 -11.75 3.94
C SER A 117 -19.00 -10.56 3.78
N ILE A 118 -18.48 -9.35 4.03
CA ILE A 118 -19.30 -8.15 3.86
C ILE A 118 -19.68 -7.96 2.40
N LYS A 119 -18.78 -8.33 1.49
CA LYS A 119 -19.01 -8.20 0.06
C LYS A 119 -19.36 -6.77 -0.31
N PRO A 120 -18.45 -5.78 -0.08
CA PRO A 120 -18.79 -4.36 -0.31
C PRO A 120 -19.40 -4.01 -1.67
N GLY A 121 -18.68 -4.26 -2.77
CA GLY A 121 -19.15 -3.83 -4.10
C GLY A 121 -19.74 -4.97 -4.91
N VAL A 122 -20.66 -5.74 -4.34
CA VAL A 122 -21.23 -6.89 -5.04
C VAL A 122 -22.71 -6.64 -5.27
N THR A 123 -23.18 -6.95 -6.47
CA THR A 123 -24.59 -6.77 -6.81
C THR A 123 -25.00 -5.31 -6.67
N SER A 139 -8.78 -21.68 -12.16
CA SER A 139 -8.47 -22.66 -11.13
C SER A 139 -7.55 -22.06 -10.07
N THR A 140 -7.77 -22.43 -8.81
CA THR A 140 -6.95 -21.91 -7.73
C THR A 140 -5.50 -22.35 -7.88
N VAL A 141 -5.28 -23.62 -8.26
CA VAL A 141 -3.91 -24.11 -8.43
C VAL A 141 -3.21 -23.33 -9.53
N ASP A 142 -3.91 -23.06 -10.64
CA ASP A 142 -3.32 -22.31 -11.73
C ASP A 142 -2.94 -20.89 -11.29
N ALA A 143 -3.81 -20.23 -10.54
CA ALA A 143 -3.52 -18.89 -10.07
C ALA A 143 -2.32 -18.89 -9.12
N MET A 144 -2.25 -19.88 -8.23
CA MET A 144 -1.12 -19.95 -7.30
C MET A 144 0.19 -20.17 -8.04
N LEU A 145 0.19 -21.08 -9.03
CA LEU A 145 1.40 -21.31 -9.81
C LEU A 145 1.75 -20.10 -10.66
N ASP A 146 0.75 -19.45 -11.25
CA ASP A 146 1.01 -18.22 -11.99
C ASP A 146 1.62 -17.15 -11.09
N LEU A 147 1.24 -17.14 -9.82
CA LEU A 147 1.84 -16.20 -8.88
C LEU A 147 3.33 -16.45 -8.75
N ILE A 148 3.73 -17.72 -8.61
CA ILE A 148 5.14 -18.05 -8.47
C ILE A 148 5.88 -17.77 -9.78
N ARG A 149 5.24 -18.04 -10.91
CA ARG A 149 5.87 -17.77 -12.20
C ARG A 149 6.16 -16.28 -12.37
N ASN A 150 5.22 -15.44 -11.96
CA ASN A 150 5.42 -13.99 -12.12
C ASN A 150 6.54 -13.48 -11.23
N MET A 151 6.74 -14.09 -10.06
CA MET A 151 7.84 -13.69 -9.19
C MET A 151 9.20 -13.97 -9.82
N PHE A 152 9.26 -14.83 -10.84
CA PHE A 152 10.51 -15.18 -11.54
C PHE A 152 10.27 -15.01 -13.03
N PRO A 153 10.23 -13.78 -13.53
CA PRO A 153 9.99 -13.57 -14.96
C PRO A 153 11.14 -14.08 -15.80
N GLU A 154 10.82 -14.44 -17.04
CA GLU A 154 11.82 -14.94 -17.99
C GLU A 154 12.55 -13.83 -18.72
N ASN A 155 12.21 -12.57 -18.47
CA ASN A 155 12.88 -11.45 -19.11
C ASN A 155 12.56 -10.19 -18.32
N LEU A 156 13.61 -9.50 -17.84
CA LEU A 156 13.39 -8.33 -17.00
C LEU A 156 12.75 -7.19 -17.79
N VAL A 157 13.18 -6.99 -19.04
CA VAL A 157 12.63 -5.89 -19.84
C VAL A 157 11.14 -6.11 -20.08
N GLN A 158 10.74 -7.34 -20.41
CA GLN A 158 9.34 -7.64 -20.61
C GLN A 158 8.55 -7.56 -19.30
N ALA A 159 9.21 -7.80 -18.16
CA ALA A 159 8.53 -7.73 -16.89
C ALA A 159 7.99 -6.33 -16.62
N CYS A 160 8.50 -5.31 -17.31
CA CYS A 160 8.03 -3.95 -17.10
C CYS A 160 6.66 -3.71 -17.72
N PHE A 161 6.25 -4.52 -18.70
CA PHE A 161 4.99 -4.27 -19.39
C PHE A 161 4.22 -5.55 -19.72
N GLN A 162 4.61 -6.71 -19.19
CA GLN A 162 3.93 -7.96 -19.51
C GLN A 162 3.90 -8.86 -18.29
N GLN A 163 2.87 -9.70 -18.22
CA GLN A 163 2.68 -10.67 -17.15
C GLN A 163 2.35 -12.02 -17.75
N TYR A 164 2.68 -13.08 -17.02
CA TYR A 164 2.47 -14.45 -17.47
C TYR A 164 1.15 -14.98 -16.93
N LYS A 165 0.32 -15.51 -17.84
CA LYS A 165 -0.95 -16.12 -17.48
C LYS A 165 -1.01 -17.52 -18.07
N THR A 166 -1.64 -18.44 -17.33
CA THR A 166 -1.71 -19.85 -17.80
C THR A 166 -3.19 -20.26 -17.92
N LYS A 167 -3.47 -21.34 -18.66
CA LYS A 167 -4.86 -21.78 -18.89
C LYS A 167 -4.92 -23.30 -18.93
N ARG A 168 -6.12 -23.88 -18.94
CA ARG A 168 -6.26 -25.35 -19.07
C ARG A 168 -6.93 -25.63 -20.41
N GLU A 169 -6.31 -26.47 -21.24
CA GLU A 169 -6.83 -26.79 -22.57
C GLU A 169 -6.97 -28.29 -22.70
N GLU A 170 -7.88 -28.71 -23.58
CA GLU A 170 -8.13 -30.13 -23.82
C GLU A 170 -8.33 -30.39 -25.31
N GLU A 201 -5.67 -35.64 -19.67
CA GLU A 201 -6.16 -35.18 -20.96
C GLU A 201 -6.01 -33.67 -21.12
N TYR A 202 -5.78 -32.99 -20.00
CA TYR A 202 -5.71 -31.53 -19.97
C TYR A 202 -4.24 -31.09 -19.94
N LYS A 203 -3.91 -30.11 -20.77
CA LYS A 203 -2.57 -29.53 -20.82
C LYS A 203 -2.60 -28.12 -20.23
N ILE A 204 -1.43 -27.50 -20.18
CA ILE A 204 -1.26 -26.16 -19.65
C ILE A 204 -0.62 -25.30 -20.73
N VAL A 205 -1.23 -24.13 -20.97
CA VAL A 205 -0.72 -23.21 -22.04
C VAL A 205 -0.43 -21.83 -21.45
N GLY A 206 0.82 -21.38 -21.51
CA GLY A 206 1.17 -20.02 -21.05
C GLY A 206 0.84 -18.99 -22.12
N MET A 207 0.86 -17.70 -21.79
CA MET A 207 0.42 -16.69 -22.80
C MET A 207 1.32 -15.47 -22.80
N TYR A 208 1.50 -14.79 -21.67
CA TYR A 208 2.27 -13.51 -21.61
C TYR A 208 1.42 -12.39 -22.21
N SER A 209 0.73 -11.63 -21.36
CA SER A 209 -0.18 -10.55 -21.84
C SER A 209 0.24 -9.21 -21.22
N ASP A 210 -0.20 -8.09 -21.81
CA ASP A 210 0.17 -6.75 -21.30
C ASP A 210 -0.27 -6.61 -19.84
N GLY A 211 0.54 -5.93 -19.03
CA GLY A 211 0.23 -5.79 -17.59
C GLY A 211 1.53 -5.81 -16.80
N ILE A 212 1.98 -4.64 -16.33
CA ILE A 212 3.29 -4.57 -15.67
C ILE A 212 3.38 -5.66 -14.62
N ASN A 213 4.52 -6.35 -14.60
CA ASN A 213 4.75 -7.44 -13.64
C ASN A 213 5.45 -6.87 -12.41
N VAL A 214 4.64 -6.30 -11.51
CA VAL A 214 5.17 -5.73 -10.28
C VAL A 214 5.80 -6.81 -9.41
N LEU A 215 5.19 -8.00 -9.37
CA LEU A 215 5.73 -9.08 -8.55
C LEU A 215 7.13 -9.48 -9.01
N GLY A 216 7.33 -9.59 -10.32
CA GLY A 216 8.65 -9.95 -10.82
C GLY A 216 9.68 -8.88 -10.56
N LEU A 217 9.32 -7.62 -10.80
CA LEU A 217 10.28 -6.53 -10.58
C LEU A 217 10.64 -6.39 -9.11
N ILE A 218 9.65 -6.50 -8.22
CA ILE A 218 9.92 -6.35 -6.79
C ILE A 218 10.82 -7.47 -6.30
N VAL A 219 10.59 -8.70 -6.75
CA VAL A 219 11.39 -9.83 -6.30
C VAL A 219 12.83 -9.69 -6.76
N PHE A 220 13.03 -9.33 -8.03
CA PHE A 220 14.38 -9.16 -8.54
C PHE A 220 15.10 -8.03 -7.82
N CYS A 221 14.42 -6.91 -7.60
CA CYS A 221 15.02 -5.81 -6.86
C CYS A 221 15.33 -6.22 -5.42
N LEU A 222 14.53 -7.11 -4.84
CA LEU A 222 14.84 -7.63 -3.52
C LEU A 222 16.16 -8.39 -3.53
N VAL A 223 16.32 -9.32 -4.48
CA VAL A 223 17.57 -10.05 -4.59
C VAL A 223 18.71 -9.11 -4.98
N PHE A 224 18.45 -8.21 -5.94
CA PHE A 224 19.47 -7.26 -6.35
C PHE A 224 19.87 -6.34 -5.21
N GLY A 225 18.90 -5.84 -4.46
CA GLY A 225 19.21 -4.94 -3.36
C GLY A 225 20.04 -5.61 -2.28
N LEU A 226 19.70 -6.86 -1.94
CA LEU A 226 20.48 -7.59 -0.95
C LEU A 226 21.90 -7.84 -1.44
N VAL A 227 22.05 -8.17 -2.71
CA VAL A 227 23.37 -8.52 -3.24
C VAL A 227 24.31 -7.32 -3.19
N ILE A 228 23.84 -6.16 -3.67
CA ILE A 228 24.71 -4.99 -3.71
C ILE A 228 24.98 -4.47 -2.31
N GLY A 229 24.00 -4.59 -1.40
CA GLY A 229 24.23 -4.16 -0.03
C GLY A 229 25.35 -4.95 0.63
N LYS A 230 25.47 -6.23 0.30
CA LYS A 230 26.50 -7.09 0.87
C LYS A 230 27.80 -7.05 0.09
N MET A 231 27.86 -6.35 -1.04
CA MET A 231 29.10 -6.26 -1.81
C MET A 231 30.04 -5.19 -1.27
N GLY A 232 29.63 -4.42 -0.26
CA GLY A 232 30.55 -3.48 0.35
C GLY A 232 30.87 -2.33 -0.59
N GLU A 233 32.18 -2.07 -0.75
CA GLU A 233 32.60 -0.93 -1.55
C GLU A 233 32.45 -1.18 -3.05
N LYS A 234 32.52 -2.45 -3.47
CA LYS A 234 32.40 -2.74 -4.89
C LYS A 234 31.00 -2.42 -5.42
N GLY A 235 29.99 -2.50 -4.56
CA GLY A 235 28.62 -2.19 -4.93
C GLY A 235 28.14 -0.83 -4.48
N GLN A 236 29.02 0.02 -3.94
CA GLN A 236 28.58 1.32 -3.44
C GLN A 236 28.07 2.20 -4.58
N ILE A 237 28.72 2.13 -5.75
CA ILE A 237 28.27 2.95 -6.87
C ILE A 237 26.85 2.59 -7.26
N LEU A 238 26.52 1.30 -7.21
CA LEU A 238 25.14 0.88 -7.49
C LEU A 238 24.18 1.40 -6.43
N VAL A 239 24.60 1.37 -5.16
CA VAL A 239 23.75 1.91 -4.11
C VAL A 239 23.58 3.42 -4.28
N ASP A 240 24.67 4.12 -4.58
CA ASP A 240 24.57 5.56 -4.81
C ASP A 240 23.71 5.87 -6.02
N PHE A 241 23.86 5.09 -7.10
CA PHE A 241 23.11 5.36 -8.32
C PHE A 241 21.61 5.24 -8.08
N PHE A 242 21.19 4.17 -7.41
CA PHE A 242 19.77 3.97 -7.15
C PHE A 242 19.25 4.82 -5.99
N ASN A 243 20.15 5.26 -5.10
CA ASN A 243 19.74 6.24 -4.09
C ASN A 243 19.37 7.56 -4.75
N ALA A 244 20.18 8.02 -5.71
CA ALA A 244 19.87 9.27 -6.41
C ALA A 244 18.67 9.09 -7.33
N LEU A 245 18.56 7.94 -8.00
CA LEU A 245 17.41 7.69 -8.86
C LEU A 245 16.13 7.66 -8.04
N SER A 246 16.17 7.05 -6.85
CA SER A 246 15.02 7.08 -5.97
C SER A 246 14.69 8.50 -5.54
N ASP A 247 15.70 9.29 -5.19
CA ASP A 247 15.47 10.67 -4.78
C ASP A 247 14.88 11.48 -5.92
N ALA A 248 15.40 11.29 -7.15
CA ALA A 248 14.88 12.02 -8.29
C ALA A 248 13.44 11.65 -8.59
N THR A 249 13.10 10.37 -8.47
CA THR A 249 11.75 9.93 -8.77
C THR A 249 10.75 10.56 -7.80
N MET A 250 11.10 10.63 -6.52
CA MET A 250 10.20 11.27 -5.56
C MET A 250 9.98 12.74 -5.89
N LYS A 251 11.03 13.42 -6.37
CA LYS A 251 10.87 14.79 -6.82
C LYS A 251 9.91 14.88 -8.00
N ILE A 252 9.99 13.92 -8.93
CA ILE A 252 9.11 13.93 -10.09
C ILE A 252 7.66 13.71 -9.66
N VAL A 253 7.44 12.81 -8.70
CA VAL A 253 6.08 12.57 -8.23
C VAL A 253 5.51 13.82 -7.56
N GLN A 254 6.36 14.59 -6.87
CA GLN A 254 5.90 15.83 -6.27
C GLN A 254 5.38 16.80 -7.32
N ILE A 255 6.04 16.83 -8.49
CA ILE A 255 5.53 17.65 -9.59
C ILE A 255 4.18 17.13 -10.06
N ILE A 256 4.04 15.80 -10.18
CA ILE A 256 2.76 15.23 -10.57
C ILE A 256 1.70 15.52 -9.51
N MET A 257 2.09 15.50 -8.23
CA MET A 257 1.14 15.78 -7.17
C MET A 257 0.59 17.19 -7.26
N CYS A 258 1.36 18.13 -7.82
CA CYS A 258 0.85 19.48 -8.03
C CYS A 258 -0.27 19.50 -9.06
N TYR A 259 -0.17 18.64 -10.08
CA TYR A 259 -1.22 18.54 -11.08
C TYR A 259 -2.38 17.66 -10.63
N MET A 260 -2.19 16.89 -9.56
CA MET A 260 -3.22 15.97 -9.08
C MET A 260 -4.56 16.64 -8.82
N PRO A 261 -4.64 17.79 -8.16
CA PRO A 261 -5.96 18.40 -7.91
C PRO A 261 -6.77 18.63 -9.17
N LEU A 262 -6.12 19.03 -10.26
CA LEU A 262 -6.86 19.22 -11.51
C LEU A 262 -7.33 17.89 -12.09
N GLY A 263 -6.45 16.89 -12.10
CA GLY A 263 -6.84 15.59 -12.61
C GLY A 263 -7.88 14.91 -11.74
N ILE A 264 -7.75 15.04 -10.42
CA ILE A 264 -8.73 14.43 -9.51
C ILE A 264 -10.09 15.09 -9.70
N LEU A 265 -10.11 16.40 -9.97
CA LEU A 265 -11.37 17.09 -10.18
C LEU A 265 -12.15 16.47 -11.33
N PHE A 266 -11.48 16.26 -12.47
CA PHE A 266 -12.16 15.72 -13.64
C PHE A 266 -12.36 14.21 -13.56
N LEU A 267 -11.50 13.50 -12.81
CA LEU A 267 -11.74 12.08 -12.58
C LEU A 267 -13.04 11.87 -11.81
N ILE A 268 -13.19 12.55 -10.68
CA ILE A 268 -14.42 12.42 -9.90
C ILE A 268 -15.61 13.00 -10.67
N ALA A 269 -15.42 14.18 -11.27
CA ALA A 269 -16.53 14.81 -11.98
C ALA A 269 -17.05 13.91 -13.09
N GLY A 270 -16.15 13.32 -13.88
CA GLY A 270 -16.59 12.43 -14.93
C GLY A 270 -17.32 11.21 -14.40
N LYS A 271 -16.90 10.70 -13.23
CA LYS A 271 -17.57 9.55 -12.64
C LYS A 271 -19.01 9.88 -12.26
N ILE A 272 -19.24 11.09 -11.74
CA ILE A 272 -20.60 11.46 -11.36
C ILE A 272 -21.52 11.52 -12.57
N ILE A 273 -20.99 11.92 -13.73
CA ILE A 273 -21.81 11.99 -14.93
C ILE A 273 -22.26 10.60 -15.36
N GLU A 274 -21.45 9.57 -15.09
CA GLU A 274 -21.68 8.24 -15.63
C GLU A 274 -22.38 7.29 -14.67
N VAL A 275 -22.72 7.73 -13.46
CA VAL A 275 -23.37 6.85 -12.50
C VAL A 275 -24.86 6.79 -12.79
N GLU A 276 -25.35 5.61 -13.16
CA GLU A 276 -26.76 5.47 -13.49
C GLU A 276 -27.62 5.42 -12.23
N ASP A 277 -27.14 4.77 -11.17
CA ASP A 277 -27.90 4.63 -9.94
C ASP A 277 -26.97 4.91 -8.76
N TRP A 278 -27.58 5.31 -7.65
CA TRP A 278 -26.87 5.62 -6.42
C TRP A 278 -26.34 4.38 -5.71
N GLU A 279 -26.53 3.19 -6.29
CA GLU A 279 -26.02 1.98 -5.67
C GLU A 279 -24.51 2.04 -5.48
N ILE A 280 -23.81 2.75 -6.36
CA ILE A 280 -22.36 2.86 -6.23
C ILE A 280 -21.99 3.63 -4.96
N PHE A 281 -22.75 4.67 -4.63
CA PHE A 281 -22.49 5.40 -3.40
C PHE A 281 -22.69 4.51 -2.18
N ARG A 282 -23.75 3.69 -2.20
CA ARG A 282 -23.96 2.74 -1.10
C ARG A 282 -22.81 1.74 -1.04
N LYS A 283 -22.35 1.26 -2.19
CA LYS A 283 -21.22 0.34 -2.21
C LYS A 283 -19.96 1.01 -1.66
N LEU A 284 -19.78 2.30 -1.94
CA LEU A 284 -18.64 3.02 -1.38
C LEU A 284 -18.73 3.09 0.13
N GLY A 285 -19.94 3.26 0.67
CA GLY A 285 -20.10 3.28 2.11
C GLY A 285 -19.71 1.96 2.76
N LEU A 286 -20.10 0.84 2.14
CA LEU A 286 -19.69 -0.46 2.65
C LEU A 286 -18.18 -0.64 2.55
N TYR A 287 -17.55 -0.07 1.52
CA TYR A 287 -16.10 -0.13 1.42
C TYR A 287 -15.43 0.60 2.58
N MET A 288 -15.95 1.76 2.95
CA MET A 288 -15.41 2.47 4.11
C MET A 288 -15.60 1.66 5.38
N ALA A 289 -16.77 1.03 5.54
CA ALA A 289 -17.01 0.20 6.72
C ALA A 289 -16.06 -0.98 6.76
N THR A 290 -15.82 -1.61 5.61
CA THR A 290 -14.90 -2.75 5.57
C THR A 290 -13.48 -2.33 5.94
N VAL A 291 -13.02 -1.19 5.42
CA VAL A 291 -11.67 -0.73 5.74
C VAL A 291 -11.59 -0.30 7.20
N LEU A 292 -12.57 0.49 7.65
CA LEU A 292 -12.56 0.95 9.04
C LEU A 292 -12.72 -0.22 10.01
N THR A 293 -13.60 -1.17 9.68
CA THR A 293 -13.79 -2.33 10.55
C THR A 293 -12.51 -3.14 10.68
N GLY A 294 -11.82 -3.38 9.56
CA GLY A 294 -10.58 -4.14 9.63
C GLY A 294 -9.49 -3.42 10.38
N LEU A 295 -9.33 -2.12 10.11
CA LEU A 295 -8.32 -1.34 10.84
C LEU A 295 -8.66 -1.25 12.31
N ALA A 296 -9.94 -1.10 12.65
CA ALA A 296 -10.35 -1.03 14.04
C ALA A 296 -10.04 -2.33 14.77
N ILE A 297 -10.39 -3.46 14.17
CA ILE A 297 -10.16 -4.75 14.82
C ILE A 297 -8.67 -4.98 15.04
N HIS A 298 -7.85 -4.69 14.03
CA HIS A 298 -6.42 -4.89 14.17
C HIS A 298 -5.82 -4.00 15.25
N SER A 299 -6.24 -2.74 15.28
CA SER A 299 -5.66 -1.78 16.22
C SER A 299 -6.18 -1.97 17.64
N ILE A 300 -7.41 -2.44 17.80
CA ILE A 300 -8.05 -2.51 19.10
C ILE A 300 -8.00 -3.91 19.69
N VAL A 301 -8.15 -4.94 18.86
CA VAL A 301 -8.25 -6.32 19.32
C VAL A 301 -6.96 -7.09 19.07
N ILE A 302 -6.54 -7.21 17.80
CA ILE A 302 -5.49 -8.16 17.45
C ILE A 302 -4.14 -7.68 17.99
N LEU A 303 -3.73 -6.47 17.62
CA LEU A 303 -2.40 -6.00 18.03
C LEU A 303 -2.25 -5.93 19.54
N PRO A 304 -3.18 -5.34 20.29
CA PRO A 304 -3.04 -5.39 21.76
C PRO A 304 -3.02 -6.80 22.33
N LEU A 305 -3.76 -7.73 21.73
CA LEU A 305 -3.73 -9.11 22.19
C LEU A 305 -2.35 -9.72 22.01
N ILE A 306 -1.71 -9.46 20.88
CA ILE A 306 -0.36 -9.96 20.65
C ILE A 306 0.61 -9.38 21.67
N TYR A 307 0.49 -8.08 21.94
CA TYR A 307 1.34 -7.46 22.95
C TYR A 307 1.09 -8.05 24.33
N PHE A 308 -0.18 -8.27 24.67
CA PHE A 308 -0.51 -8.74 26.01
C PHE A 308 0.08 -10.10 26.30
N ILE A 309 -0.04 -11.04 25.36
CA ILE A 309 0.43 -12.41 25.62
C ILE A 309 1.95 -12.43 25.73
N VAL A 310 2.66 -11.76 24.82
CA VAL A 310 4.11 -11.80 24.83
C VAL A 310 4.66 -11.00 26.01
N VAL A 311 4.12 -9.81 26.26
CA VAL A 311 4.68 -8.93 27.29
C VAL A 311 3.98 -9.08 28.63
N ARG A 312 2.77 -9.62 28.66
CA ARG A 312 2.03 -9.83 29.91
C ARG A 312 1.84 -8.53 30.67
N LYS A 313 1.72 -7.43 29.92
CA LYS A 313 1.41 -6.12 30.48
C LYS A 313 0.20 -5.56 29.77
N ASN A 314 -0.41 -4.55 30.38
CA ASN A 314 -1.59 -3.93 29.79
C ASN A 314 -1.20 -3.23 28.50
N PRO A 315 -1.75 -3.61 27.34
CA PRO A 315 -1.40 -2.90 26.10
C PRO A 315 -2.03 -1.53 25.98
N PHE A 316 -3.16 -1.28 26.64
CA PHE A 316 -3.82 0.01 26.52
C PHE A 316 -2.95 1.13 27.08
N ARG A 317 -2.29 0.89 28.21
CA ARG A 317 -1.36 1.88 28.75
C ARG A 317 -0.24 2.14 27.77
N PHE A 318 0.26 1.09 27.11
CA PHE A 318 1.31 1.26 26.12
C PHE A 318 0.87 2.20 25.00
N ALA A 319 -0.41 2.17 24.63
CA ALA A 319 -0.89 3.04 23.56
C ALA A 319 -0.98 4.49 24.00
N MET A 320 -1.16 4.75 25.31
CA MET A 320 -1.25 6.13 25.77
C MET A 320 0.06 6.88 25.53
N GLY A 321 1.19 6.21 25.78
CA GLY A 321 2.47 6.87 25.58
C GLY A 321 2.72 7.24 24.14
N MET A 322 2.08 6.54 23.20
CA MET A 322 2.24 6.80 21.78
C MET A 322 1.21 7.78 21.25
N ALA A 323 0.34 8.33 22.11
CA ALA A 323 -0.71 9.21 21.64
C ALA A 323 -0.13 10.40 20.88
N GLN A 324 0.97 10.96 21.36
CA GLN A 324 1.60 12.05 20.64
C GLN A 324 2.07 11.60 19.27
N ALA A 325 2.68 10.41 19.18
CA ALA A 325 3.07 9.88 17.89
C ALA A 325 1.86 9.51 17.05
N LEU A 326 0.83 8.95 17.66
CA LEU A 326 -0.38 8.60 16.92
C LEU A 326 -1.06 9.85 16.36
N LEU A 327 -1.13 10.91 17.16
CA LEU A 327 -1.71 12.16 16.67
C LEU A 327 -0.89 12.73 15.52
N THR A 328 0.43 12.69 15.64
CA THR A 328 1.28 13.16 14.54
C THR A 328 1.15 12.28 13.31
N ALA A 329 0.85 10.99 13.51
CA ALA A 329 0.70 10.09 12.36
C ALA A 329 -0.46 10.53 11.47
N LEU A 330 -1.56 10.96 12.08
CA LEU A 330 -2.71 11.40 11.29
C LEU A 330 -2.37 12.66 10.49
N MET A 331 -1.80 13.67 11.16
CA MET A 331 -1.53 14.93 10.47
C MET A 331 -0.56 14.74 9.32
N ILE A 332 0.59 14.12 9.59
CA ILE A 332 1.60 13.95 8.56
C ILE A 332 1.18 12.87 7.57
N SER A 333 0.57 11.79 8.08
CA SER A 333 0.12 10.68 7.26
C SER A 333 1.26 9.89 6.62
N SER A 334 2.45 9.93 7.22
CA SER A 334 3.60 9.15 6.77
C SER A 334 4.28 8.53 7.96
N SER A 335 4.44 7.21 7.94
CA SER A 335 5.07 6.52 9.06
C SER A 335 6.53 6.92 9.23
N SER A 336 7.27 6.99 8.12
CA SER A 336 8.68 7.34 8.19
C SER A 336 8.87 8.74 8.76
N ALA A 337 8.06 9.70 8.30
CA ALA A 337 8.19 11.07 8.79
C ALA A 337 7.81 11.20 10.26
N THR A 338 7.00 10.29 10.78
CA THR A 338 6.60 10.31 12.18
C THR A 338 7.63 9.65 13.09
N LEU A 339 8.70 9.09 12.53
CA LEU A 339 9.67 8.36 13.35
C LEU A 339 10.24 9.23 14.46
N PRO A 340 10.69 10.46 14.22
CA PRO A 340 11.26 11.24 15.32
C PRO A 340 10.32 11.38 16.51
N VAL A 341 9.03 11.55 16.26
CA VAL A 341 8.05 11.56 17.35
C VAL A 341 7.91 10.16 17.95
N THR A 342 7.92 9.14 17.09
CA THR A 342 7.76 7.77 17.56
C THR A 342 8.91 7.37 18.49
N PHE A 343 10.14 7.73 18.13
CA PHE A 343 11.28 7.40 18.98
C PHE A 343 11.13 8.05 20.35
N ARG A 344 10.74 9.33 20.38
CA ARG A 344 10.63 10.03 21.66
C ARG A 344 9.58 9.39 22.54
N CYS A 345 8.40 9.09 21.99
CA CYS A 345 7.34 8.49 22.79
C CYS A 345 7.72 7.08 23.24
N ALA A 346 8.32 6.29 22.36
CA ALA A 346 8.62 4.90 22.68
C ALA A 346 9.64 4.81 23.82
N GLU A 347 10.65 5.67 23.81
CA GLU A 347 11.71 5.58 24.79
C GLU A 347 11.39 6.37 26.06
N GLU A 348 10.67 7.48 25.94
CA GLU A 348 10.37 8.34 27.11
C GLU A 348 9.09 7.88 27.82
N ASN A 349 7.97 7.76 27.10
CA ASN A 349 6.71 7.40 27.71
C ASN A 349 6.64 5.91 28.02
N ASN A 350 7.02 5.07 27.05
CA ASN A 350 6.94 3.63 27.24
C ASN A 350 8.20 3.03 27.86
N GLN A 351 9.26 3.82 28.01
CA GLN A 351 10.50 3.37 28.66
C GLN A 351 11.13 2.21 27.91
N VAL A 352 10.84 2.07 26.61
CA VAL A 352 11.45 1.01 25.82
C VAL A 352 12.92 1.34 25.61
N ASP A 353 13.76 0.32 25.65
CA ASP A 353 15.19 0.52 25.52
C ASP A 353 15.53 1.19 24.20
N LYS A 354 16.46 2.15 24.25
CA LYS A 354 16.82 2.89 23.05
C LYS A 354 17.45 1.99 22.00
N ARG A 355 18.11 0.90 22.42
CA ARG A 355 18.72 -0.01 21.46
C ARG A 355 17.68 -0.65 20.55
N ILE A 356 16.59 -1.14 21.13
CA ILE A 356 15.55 -1.79 20.34
C ILE A 356 14.95 -0.82 19.33
N THR A 357 14.62 0.39 19.78
CA THR A 357 13.95 1.35 18.89
C THR A 357 14.80 1.66 17.67
N ARG A 358 16.12 1.57 17.80
CA ARG A 358 16.99 1.85 16.66
C ARG A 358 16.97 0.73 15.64
N PHE A 359 16.83 -0.52 16.08
CA PHE A 359 16.84 -1.66 15.18
C PHE A 359 15.43 -2.14 14.79
N VAL A 360 14.39 -1.57 15.38
CA VAL A 360 13.02 -2.02 15.16
C VAL A 360 12.22 -1.00 14.37
N LEU A 361 12.17 0.24 14.86
CA LEU A 361 11.33 1.25 14.21
C LEU A 361 11.75 1.50 12.76
N PRO A 362 13.03 1.68 12.43
CA PRO A 362 13.39 1.80 11.01
C PRO A 362 12.95 0.62 10.18
N VAL A 363 13.04 -0.60 10.73
CA VAL A 363 12.54 -1.77 10.03
C VAL A 363 11.03 -1.71 9.88
N GLY A 364 10.33 -1.34 10.95
CA GLY A 364 8.88 -1.27 10.88
C GLY A 364 8.39 -0.25 9.88
N ALA A 365 9.13 0.85 9.72
CA ALA A 365 8.74 1.86 8.75
C ALA A 365 8.81 1.34 7.32
N THR A 366 9.46 0.20 7.10
CA THR A 366 9.66 -0.35 5.77
C THR A 366 8.79 -1.57 5.50
N ILE A 367 8.71 -2.51 6.45
CA ILE A 367 8.09 -3.80 6.20
C ILE A 367 6.82 -3.99 7.03
N ASN A 368 6.27 -2.92 7.59
CA ASN A 368 5.00 -3.01 8.32
C ASN A 368 3.88 -2.81 7.31
N MET A 369 3.37 -3.93 6.79
CA MET A 369 2.33 -3.92 5.76
C MET A 369 0.95 -4.24 6.33
N ASP A 370 0.77 -4.10 7.65
CA ASP A 370 -0.53 -4.35 8.25
C ASP A 370 -1.57 -3.38 7.70
N GLY A 371 -1.20 -2.10 7.55
CA GLY A 371 -2.13 -1.14 6.99
C GLY A 371 -2.47 -1.43 5.55
N THR A 372 -1.47 -1.79 4.74
CA THR A 372 -1.73 -2.12 3.34
C THR A 372 -2.64 -3.34 3.23
N ALA A 373 -2.40 -4.36 4.04
CA ALA A 373 -3.22 -5.57 3.99
C ALA A 373 -4.67 -5.29 4.35
N LEU A 374 -4.94 -4.21 5.08
CA LEU A 374 -6.29 -3.87 5.50
C LEU A 374 -6.91 -2.74 4.71
N TYR A 375 -6.10 -1.96 3.97
CA TYR A 375 -6.60 -0.82 3.21
C TYR A 375 -6.45 -1.02 1.70
N GLU A 376 -5.24 -1.25 1.22
CA GLU A 376 -5.04 -1.37 -0.22
C GLU A 376 -5.51 -2.72 -0.74
N ALA A 377 -5.26 -3.80 0.01
CA ALA A 377 -5.72 -5.11 -0.41
C ALA A 377 -7.25 -5.17 -0.44
N VAL A 378 -7.89 -4.58 0.56
CA VAL A 378 -9.35 -4.53 0.58
C VAL A 378 -9.87 -3.67 -0.56
N ALA A 379 -9.18 -2.57 -0.85
CA ALA A 379 -9.60 -1.69 -1.94
C ALA A 379 -9.53 -2.40 -3.28
N ALA A 380 -8.45 -3.15 -3.52
CA ALA A 380 -8.30 -3.86 -4.79
C ALA A 380 -9.40 -4.90 -4.97
N VAL A 381 -9.71 -5.66 -3.93
CA VAL A 381 -10.78 -6.65 -4.03
C VAL A 381 -12.13 -5.95 -4.20
N PHE A 382 -12.32 -4.82 -3.52
CA PHE A 382 -13.56 -4.07 -3.67
C PHE A 382 -13.74 -3.60 -5.11
N ILE A 383 -12.67 -3.12 -5.73
CA ILE A 383 -12.74 -2.71 -7.13
C ILE A 383 -13.03 -3.93 -8.01
N ALA A 384 -12.42 -5.07 -7.70
CA ALA A 384 -12.70 -6.29 -8.46
C ALA A 384 -14.17 -6.67 -8.35
N GLN A 385 -14.74 -6.59 -7.14
CA GLN A 385 -16.15 -6.90 -6.98
C GLN A 385 -17.03 -5.90 -7.72
N LEU A 386 -16.58 -4.65 -7.85
CA LEU A 386 -17.34 -3.67 -8.62
C LEU A 386 -17.43 -4.08 -10.09
N ASN A 387 -16.37 -4.67 -10.62
CA ASN A 387 -16.32 -5.13 -12.00
C ASN A 387 -17.03 -6.46 -12.22
N ASP A 388 -17.81 -6.91 -11.25
CA ASP A 388 -18.56 -8.16 -11.34
C ASP A 388 -17.66 -9.39 -11.46
N LEU A 389 -16.42 -9.29 -10.97
CA LEU A 389 -15.52 -10.43 -10.96
C LEU A 389 -15.87 -11.33 -9.78
N ASP A 390 -16.11 -12.62 -10.08
CA ASP A 390 -16.48 -13.56 -9.02
C ASP A 390 -15.32 -13.80 -8.05
N LEU A 391 -14.08 -13.72 -8.53
CA LEU A 391 -12.90 -13.87 -7.69
C LEU A 391 -12.83 -15.27 -7.09
N GLY A 392 -11.65 -15.64 -6.62
CA GLY A 392 -11.44 -16.93 -5.98
C GLY A 392 -10.31 -16.84 -4.98
N ILE A 393 -10.03 -17.97 -4.33
CA ILE A 393 -8.95 -18.00 -3.35
C ILE A 393 -7.63 -17.65 -4.02
N GLY A 394 -7.36 -18.23 -5.19
CA GLY A 394 -6.11 -17.93 -5.87
C GLY A 394 -6.04 -16.50 -6.35
N GLN A 395 -7.17 -15.95 -6.82
CA GLN A 395 -7.15 -14.58 -7.33
C GLN A 395 -7.03 -13.56 -6.19
N ILE A 396 -7.72 -13.80 -5.07
CA ILE A 396 -7.63 -12.88 -3.95
C ILE A 396 -6.22 -12.89 -3.37
N ILE A 397 -5.60 -14.07 -3.26
CA ILE A 397 -4.24 -14.15 -2.73
C ILE A 397 -3.27 -13.39 -3.65
N THR A 398 -3.52 -13.43 -4.95
CA THR A 398 -2.70 -12.65 -5.87
C THR A 398 -2.83 -11.16 -5.59
N ILE A 399 -4.05 -10.70 -5.34
CA ILE A 399 -4.26 -9.28 -5.02
C ILE A 399 -3.57 -8.91 -3.73
N SER A 400 -3.67 -9.75 -2.70
CA SER A 400 -3.10 -9.42 -1.41
C SER A 400 -1.58 -9.29 -1.50
N ILE A 401 -0.92 -10.20 -2.20
CA ILE A 401 0.53 -10.12 -2.33
C ILE A 401 0.92 -8.92 -3.17
N THR A 402 0.16 -8.63 -4.22
CA THR A 402 0.46 -7.48 -5.05
C THR A 402 0.34 -6.19 -4.26
N ALA A 403 -0.64 -6.11 -3.36
CA ALA A 403 -0.82 -4.90 -2.56
C ALA A 403 0.39 -4.61 -1.69
N THR A 404 0.93 -5.64 -1.03
CA THR A 404 2.10 -5.43 -0.18
C THR A 404 3.35 -5.17 -1.00
N SER A 405 3.49 -5.82 -2.16
CA SER A 405 4.63 -5.57 -3.01
C SER A 405 4.62 -4.14 -3.55
N ALA A 406 3.44 -3.64 -3.93
CA ALA A 406 3.37 -2.28 -4.45
C ALA A 406 3.73 -1.25 -3.38
N SER A 407 3.27 -1.46 -2.15
CA SER A 407 3.51 -0.48 -1.09
C SER A 407 4.99 -0.39 -0.73
N ILE A 408 5.68 -1.53 -0.67
CA ILE A 408 7.11 -1.50 -0.37
C ILE A 408 7.87 -0.78 -1.48
N GLY A 409 7.42 -0.95 -2.72
CA GLY A 409 8.03 -0.22 -3.83
C GLY A 409 7.67 1.25 -3.88
N ALA A 410 6.57 1.63 -3.23
CA ALA A 410 6.16 3.06 -3.17
C ALA A 410 6.06 3.49 -1.70
N ALA A 411 7.07 3.17 -0.89
CA ALA A 411 6.99 3.44 0.57
C ALA A 411 6.98 4.94 0.91
N GLY A 412 7.88 5.73 0.32
CA GLY A 412 7.99 7.15 0.73
C GLY A 412 7.30 8.11 -0.23
N VAL A 413 6.61 7.59 -1.24
CA VAL A 413 5.98 8.45 -2.28
C VAL A 413 4.89 9.30 -1.62
N PRO A 414 4.72 10.58 -2.01
CA PRO A 414 3.61 11.39 -1.50
C PRO A 414 2.32 10.69 -1.95
N GLN A 415 1.32 10.62 -1.08
CA GLN A 415 0.04 9.91 -1.41
C GLN A 415 0.34 8.45 -1.74
N ALA A 416 1.10 7.75 -0.90
CA ALA A 416 1.32 6.32 -1.11
C ALA A 416 0.03 5.61 -1.48
N GLY A 417 -1.08 6.00 -0.85
CA GLY A 417 -2.34 5.30 -1.11
C GLY A 417 -2.76 5.36 -2.55
N LEU A 418 -2.73 6.56 -3.15
CA LEU A 418 -3.09 6.69 -4.55
C LEU A 418 -2.11 5.94 -5.45
N VAL A 419 -0.82 6.17 -5.24
CA VAL A 419 0.20 5.54 -6.09
C VAL A 419 0.17 4.03 -5.92
N THR A 420 0.06 3.55 -4.68
CA THR A 420 0.03 2.12 -4.45
C THR A 420 -1.16 1.47 -5.15
N MET A 421 -2.33 2.09 -5.07
CA MET A 421 -3.52 1.51 -5.68
C MET A 421 -3.39 1.43 -7.20
N VAL A 422 -2.82 2.46 -7.82
CA VAL A 422 -2.65 2.44 -9.27
C VAL A 422 -1.71 1.30 -9.66
N ILE A 423 -0.68 1.05 -8.85
CA ILE A 423 0.20 -0.09 -9.10
C ILE A 423 -0.57 -1.39 -8.96
N VAL A 424 -1.38 -1.52 -7.92
CA VAL A 424 -2.11 -2.76 -7.67
C VAL A 424 -3.11 -3.01 -8.79
N LEU A 425 -3.86 -1.97 -9.19
CA LEU A 425 -4.85 -2.15 -10.25
C LEU A 425 -4.17 -2.52 -11.57
N SER A 426 -3.08 -1.85 -11.90
CA SER A 426 -2.38 -2.15 -13.15
C SER A 426 -1.83 -3.57 -13.16
N ALA A 427 -1.22 -3.99 -12.05
CA ALA A 427 -0.64 -5.32 -12.00
C ALA A 427 -1.73 -6.40 -12.00
N VAL A 428 -2.79 -6.19 -11.22
CA VAL A 428 -3.86 -7.19 -11.13
C VAL A 428 -4.61 -7.27 -12.44
N GLY A 429 -4.84 -6.13 -13.10
CA GLY A 429 -5.57 -6.07 -14.34
C GLY A 429 -6.87 -5.30 -14.28
N LEU A 430 -7.29 -4.83 -13.10
CA LEU A 430 -8.51 -4.04 -13.01
C LEU A 430 -8.28 -2.65 -13.60
N PRO A 431 -9.35 -1.97 -14.01
CA PRO A 431 -9.19 -0.64 -14.61
C PRO A 431 -8.57 0.34 -13.63
N ALA A 432 -7.44 0.93 -14.03
CA ALA A 432 -6.77 1.91 -13.18
C ALA A 432 -7.61 3.16 -12.98
N GLU A 433 -8.63 3.38 -13.81
CA GLU A 433 -9.51 4.52 -13.64
C GLU A 433 -10.57 4.29 -12.58
N ASP A 434 -10.79 3.04 -12.17
CA ASP A 434 -11.75 2.75 -11.11
C ASP A 434 -11.26 3.21 -9.75
N VAL A 435 -10.00 3.61 -9.63
CA VAL A 435 -9.47 4.15 -8.39
C VAL A 435 -10.13 5.48 -8.03
N THR A 436 -10.91 6.07 -8.94
CA THR A 436 -11.55 7.34 -8.68
C THR A 436 -12.30 7.33 -7.35
N LEU A 437 -13.04 6.26 -7.08
CA LEU A 437 -13.77 6.16 -5.83
C LEU A 437 -12.85 6.10 -4.62
N ILE A 438 -11.62 5.62 -4.82
CA ILE A 438 -10.69 5.48 -3.69
C ILE A 438 -10.23 6.86 -3.21
N ILE A 439 -9.86 7.74 -4.13
CA ILE A 439 -9.35 9.05 -3.72
C ILE A 439 -10.43 9.87 -3.03
N ALA A 440 -11.70 9.61 -3.31
CA ALA A 440 -12.76 10.37 -2.68
C ALA A 440 -12.66 10.30 -1.16
N VAL A 441 -12.14 9.19 -0.62
CA VAL A 441 -12.03 9.01 0.82
C VAL A 441 -10.63 8.52 1.18
N ASP A 442 -9.70 8.59 0.23
CA ASP A 442 -8.35 8.10 0.50
C ASP A 442 -7.68 8.92 1.59
N TRP A 443 -7.85 10.24 1.56
CA TRP A 443 -7.28 11.08 2.60
C TRP A 443 -7.76 10.64 3.97
N LEU A 444 -9.05 10.30 4.09
CA LEU A 444 -9.60 9.88 5.37
C LEU A 444 -9.04 8.53 5.81
N LEU A 445 -9.05 7.54 4.91
CA LEU A 445 -8.62 6.21 5.28
C LEU A 445 -7.10 6.10 5.37
N ASP A 446 -6.36 6.83 4.55
CA ASP A 446 -4.90 6.79 4.64
C ASP A 446 -4.41 7.31 5.98
N ARG A 447 -5.09 8.31 6.54
CA ARG A 447 -4.71 8.81 7.86
C ARG A 447 -4.88 7.73 8.93
N PHE A 448 -6.02 7.01 8.90
CA PHE A 448 -6.22 5.92 9.84
C PHE A 448 -5.27 4.75 9.55
N ARG A 449 -4.96 4.50 8.29
CA ARG A 449 -4.04 3.42 7.96
C ARG A 449 -2.67 3.67 8.59
N THR A 450 -2.18 4.90 8.51
CA THR A 450 -0.87 5.22 9.10
C THR A 450 -0.94 5.14 10.62
N MET A 451 -2.07 5.48 11.21
CA MET A 451 -2.21 5.40 12.67
C MET A 451 -2.07 3.95 13.14
N VAL A 452 -2.60 3.00 12.37
CA VAL A 452 -2.43 1.59 12.73
C VAL A 452 -0.99 1.15 12.53
N ASN A 453 -0.34 1.63 11.47
CA ASN A 453 1.04 1.24 11.22
C ASN A 453 1.95 1.70 12.34
N VAL A 454 1.79 2.95 12.78
CA VAL A 454 2.63 3.46 13.87
C VAL A 454 2.37 2.67 15.15
N LEU A 455 1.11 2.36 15.44
CA LEU A 455 0.79 1.56 16.61
C LEU A 455 1.40 0.18 16.50
N GLY A 456 1.38 -0.42 15.30
CA GLY A 456 2.01 -1.72 15.13
C GLY A 456 3.49 -1.69 15.41
N ASP A 457 4.19 -0.65 14.92
CA ASP A 457 5.60 -0.51 15.21
C ASP A 457 5.85 -0.23 16.68
N ALA A 458 5.01 0.60 17.28
CA ALA A 458 5.16 0.90 18.71
C ALA A 458 5.01 -0.36 19.55
N PHE A 459 4.01 -1.18 19.25
CA PHE A 459 3.88 -2.46 19.93
C PHE A 459 5.04 -3.38 19.60
N GLY A 460 5.54 -3.32 18.37
CA GLY A 460 6.66 -4.17 18.00
C GLY A 460 7.90 -3.92 18.82
N THR A 461 8.14 -2.66 19.20
CA THR A 461 9.30 -2.34 20.04
C THR A 461 9.18 -3.04 21.39
N GLY A 462 7.98 -3.05 21.97
CA GLY A 462 7.79 -3.75 23.23
C GLY A 462 7.99 -5.25 23.10
N ILE A 463 7.55 -5.82 21.98
CA ILE A 463 7.72 -7.26 21.77
C ILE A 463 9.20 -7.62 21.71
N VAL A 464 9.97 -6.90 20.90
CA VAL A 464 11.38 -7.25 20.71
C VAL A 464 12.15 -7.06 22.01
N GLU A 465 11.80 -6.03 22.79
CA GLU A 465 12.45 -5.84 24.08
C GLU A 465 12.25 -7.04 24.98
N LYS A 466 11.01 -7.52 25.09
CA LYS A 466 10.73 -8.67 25.94
C LYS A 466 11.40 -9.93 25.40
N LEU A 467 11.40 -10.10 24.08
CA LEU A 467 11.98 -11.30 23.49
C LEU A 467 13.49 -11.26 23.45
N SER A 468 14.11 -10.10 23.66
CA SER A 468 15.55 -9.94 23.59
C SER A 468 16.08 -9.26 24.84
N LYS A 469 15.56 -9.63 26.01
CA LYS A 469 16.06 -9.07 27.26
C LYS A 469 17.50 -9.51 27.52
N LYS A 470 17.80 -10.78 27.25
CA LYS A 470 19.15 -11.28 27.53
C LYS A 470 20.19 -10.60 26.66
N GLU A 471 19.85 -10.34 25.40
CA GLU A 471 20.79 -9.66 24.51
C GLU A 471 21.12 -8.27 25.03
N LEU A 472 20.12 -7.55 25.55
CA LEU A 472 20.37 -6.23 26.09
C LEU A 472 21.32 -6.29 27.28
N GLU A 473 21.15 -7.30 28.15
CA GLU A 473 22.06 -7.45 29.28
C GLU A 473 23.49 -7.69 28.80
N GLN A 474 23.66 -8.50 27.76
CA GLN A 474 24.98 -8.73 27.18
C GLN A 474 25.33 -7.60 26.22
#